data_4QUE
#
_entry.id   4QUE
#
_cell.length_a   109.125
_cell.length_b   96.362
_cell.length_c   68.833
_cell.angle_alpha   90.00
_cell.angle_beta   127.10
_cell.angle_gamma   90.00
#
_symmetry.space_group_name_H-M   'C 1 2 1'
#
loop_
_entity.id
_entity.type
_entity.pdbx_description
1 polymer Caspase-3
2 polymer 'ACE-ASP-GLU-VAL-ASP-CHLOROMETHYLKETONE INHIBITOR'
3 polymer 'SHORT PEPTIDE'
4 non-polymer 2,3-DIHYDROXY-1,4-DITHIOBUTANE
5 non-polymer 'AZIDE ION'
6 water water
#
loop_
_entity_poly.entity_id
_entity_poly.type
_entity_poly.pdbx_seq_one_letter_code
_entity_poly.pdbx_strand_id
1 'polypeptide(L)'
;MENTENSVDSKSIKNLEPKIIHGSESMDSGISLDNSYKMDYPEMGLCIIINNKNFHKSTGMTSRSGTDVDAANLRETFRN
LKYEVRNKNDLTREEIVELMRDVSKEDHSKRSSFVCVLLSHGEEGIIFGTNGPVDLKKITNFFRGDRCRSLTGKPKLFII
QACRGTELDCGIETDSGVDDDMACHKIPVEADFLFAYSTAPGYYSWRNSKDGSWFIQSLCAMLKQYADKLEFMHILTRVN
RKVATEFESFSFDATFHAKKQIPCIHSMLTKELYFYH
;
A,C
2 'polypeptide(L)' (ACE)DEVD(0QE) H,J
3 'polypeptide(L)' VDDDM D,E
#
# COMPACT_ATOMS: atom_id res chain seq x y z
N ASP A 34 2.25 -17.81 -15.41
CA ASP A 34 2.23 -16.35 -15.37
C ASP A 34 1.28 -15.84 -14.28
N ASN A 35 0.61 -14.73 -14.55
CA ASN A 35 -0.25 -14.05 -13.60
C ASN A 35 -0.38 -12.59 -14.05
N SER A 36 -0.90 -12.36 -15.27
CA SER A 36 -1.02 -11.02 -15.84
C SER A 36 -2.45 -10.64 -16.22
N TYR A 37 -2.84 -9.40 -15.92
CA TYR A 37 -4.13 -8.90 -16.37
C TYR A 37 -4.22 -8.94 -17.89
N LYS A 38 -5.38 -9.34 -18.40
CA LYS A 38 -5.66 -9.27 -19.82
C LYS A 38 -5.79 -7.80 -20.22
N MET A 39 -4.87 -7.33 -21.05
CA MET A 39 -4.83 -5.93 -21.44
C MET A 39 -4.99 -5.73 -22.94
N ASP A 40 -5.56 -6.72 -23.61
CA ASP A 40 -5.86 -6.60 -25.05
C ASP A 40 -7.35 -6.60 -25.34
N TYR A 41 -8.14 -6.01 -24.45
CA TYR A 41 -9.51 -5.64 -24.79
C TYR A 41 -9.42 -4.58 -25.90
N PRO A 42 -10.54 -4.29 -26.58
CA PRO A 42 -10.50 -3.27 -27.65
C PRO A 42 -9.90 -1.93 -27.18
N GLU A 43 -10.16 -1.55 -25.93
CA GLU A 43 -9.69 -0.28 -25.38
C GLU A 43 -8.93 -0.49 -24.07
N MET A 44 -7.90 0.32 -23.83
CA MET A 44 -7.15 0.25 -22.57
C MET A 44 -8.07 0.67 -21.41
N GLY A 45 -8.90 1.68 -21.66
CA GLY A 45 -9.82 2.16 -20.66
C GLY A 45 -9.82 3.67 -20.50
N LEU A 46 -10.64 4.16 -19.57
CA LEU A 46 -10.71 5.60 -19.30
C LEU A 46 -9.59 6.03 -18.37
N CYS A 47 -9.13 7.26 -18.55
CA CYS A 47 -8.25 7.90 -17.57
C CYS A 47 -8.88 9.24 -17.17
N ILE A 48 -9.49 9.27 -16.00
CA ILE A 48 -10.18 10.47 -15.54
C ILE A 48 -9.20 11.30 -14.72
N ILE A 49 -8.96 12.55 -15.13
CA ILE A 49 -8.05 13.40 -14.36
C ILE A 49 -8.84 14.53 -13.73
N ILE A 50 -8.89 14.58 -12.41
CA ILE A 50 -9.58 15.68 -11.73
C ILE A 50 -8.55 16.67 -11.23
N ASN A 51 -8.54 17.86 -11.84
CA ASN A 51 -7.50 18.86 -11.60
C ASN A 51 -8.06 20.06 -10.83
N ASN A 52 -7.89 20.06 -9.51
CA ASN A 52 -8.45 21.16 -8.71
C ASN A 52 -7.37 22.14 -8.32
N LYS A 53 -7.46 23.31 -8.95
CA LYS A 53 -6.43 24.33 -8.81
C LYS A 53 -6.90 25.46 -7.91
N ASN A 54 -8.15 25.88 -8.13
CA ASN A 54 -8.74 27.03 -7.46
C ASN A 54 -9.89 26.64 -6.56
N PHE A 55 -9.84 27.07 -5.31
CA PHE A 55 -10.83 26.65 -4.32
C PHE A 55 -11.67 27.83 -3.88
N HIS A 56 -12.89 27.55 -3.44
CA HIS A 56 -13.79 28.61 -2.98
C HIS A 56 -13.13 29.35 -1.84
N LYS A 57 -13.18 30.68 -1.92
CA LYS A 57 -12.59 31.56 -0.91
C LYS A 57 -12.94 31.13 0.51
N SER A 58 -14.20 30.78 0.73
CA SER A 58 -14.69 30.45 2.07
C SER A 58 -14.00 29.22 2.68
N THR A 59 -13.44 28.35 1.84
CA THR A 59 -12.73 27.18 2.36
C THR A 59 -11.38 27.58 2.96
N GLY A 60 -10.86 28.73 2.56
CA GLY A 60 -9.54 29.17 2.97
C GLY A 60 -8.38 28.39 2.35
N MET A 61 -8.68 27.52 1.38
CA MET A 61 -7.64 26.68 0.76
C MET A 61 -6.88 27.45 -0.33
N THR A 62 -5.55 27.38 -0.30
CA THR A 62 -4.71 28.09 -1.28
C THR A 62 -4.80 27.52 -2.68
N SER A 63 -4.47 28.35 -3.66
N SER A 63 -4.46 28.35 -3.67
CA SER A 63 -4.39 27.95 -5.07
CA SER A 63 -4.43 27.92 -5.06
C SER A 63 -3.21 27.01 -5.27
C SER A 63 -3.20 27.05 -5.33
N ARG A 64 -3.39 25.97 -6.07
CA ARG A 64 -2.35 24.95 -6.23
C ARG A 64 -1.52 25.17 -7.50
N SER A 65 -0.73 26.25 -7.50
CA SER A 65 0.11 26.57 -8.65
C SER A 65 0.99 25.40 -9.05
N GLY A 66 1.08 25.14 -10.36
CA GLY A 66 1.87 24.02 -10.84
C GLY A 66 1.03 22.82 -11.23
N THR A 67 -0.20 22.76 -10.75
CA THR A 67 -1.05 21.58 -10.99
C THR A 67 -1.50 21.44 -12.46
N ASP A 68 -1.61 22.56 -13.17
CA ASP A 68 -1.91 22.48 -14.60
C ASP A 68 -0.77 21.80 -15.36
N VAL A 69 0.47 22.01 -14.91
CA VAL A 69 1.61 21.29 -15.48
C VAL A 69 1.42 19.79 -15.29
N ASP A 70 1.08 19.40 -14.06
CA ASP A 70 0.75 18.00 -13.77
C ASP A 70 -0.30 17.46 -14.73
N ALA A 71 -1.41 18.19 -14.85
CA ALA A 71 -2.55 17.71 -15.61
C ALA A 71 -2.22 17.48 -17.09
N ALA A 72 -1.44 18.38 -17.68
CA ALA A 72 -1.03 18.28 -19.07
C ALA A 72 -0.04 17.13 -19.29
N ASN A 73 0.90 16.99 -18.35
CA ASN A 73 1.86 15.91 -18.38
C ASN A 73 1.12 14.57 -18.33
N LEU A 74 0.15 14.47 -17.42
CA LEU A 74 -0.61 13.22 -17.29
C LEU A 74 -1.42 12.94 -18.55
N ARG A 75 -1.99 13.99 -19.14
CA ARG A 75 -2.81 13.77 -20.34
C ARG A 75 -1.95 13.15 -21.45
N GLU A 76 -0.75 13.68 -21.63
CA GLU A 76 0.11 13.23 -22.72
C GLU A 76 0.64 11.83 -22.45
N THR A 77 0.99 11.59 -21.19
CA THR A 77 1.54 10.31 -20.76
C THR A 77 0.54 9.19 -20.96
N PHE A 78 -0.66 9.37 -20.44
CA PHE A 78 -1.69 8.33 -20.58
C PHE A 78 -2.25 8.22 -22.00
N ARG A 79 -2.20 9.30 -22.77
CA ARG A 79 -2.54 9.23 -24.19
C ARG A 79 -1.62 8.26 -24.93
N ASN A 80 -0.32 8.38 -24.68
CA ASN A 80 0.67 7.48 -25.29
C ASN A 80 0.52 6.04 -24.81
N LEU A 81 -0.14 5.84 -23.67
CA LEU A 81 -0.43 4.48 -23.19
C LEU A 81 -1.75 3.97 -23.77
N LYS A 82 -2.35 4.80 -24.62
CA LYS A 82 -3.61 4.49 -25.30
C LYS A 82 -4.82 4.50 -24.39
N TYR A 83 -4.80 5.32 -23.34
CA TYR A 83 -6.02 5.59 -22.57
C TYR A 83 -6.85 6.72 -23.16
N GLU A 84 -8.17 6.59 -22.96
CA GLU A 84 -9.13 7.63 -23.29
C GLU A 84 -9.15 8.64 -22.14
N VAL A 85 -8.45 9.76 -22.31
CA VAL A 85 -8.31 10.72 -21.22
C VAL A 85 -9.45 11.73 -21.19
N ARG A 86 -10.00 11.95 -20.00
CA ARG A 86 -10.95 13.03 -19.77
C ARG A 86 -10.43 13.93 -18.66
N ASN A 87 -10.05 15.17 -18.99
CA ASN A 87 -9.61 16.15 -18.01
C ASN A 87 -10.79 16.97 -17.47
N LYS A 88 -10.92 17.00 -16.14
CA LYS A 88 -11.90 17.85 -15.46
C LYS A 88 -11.17 18.82 -14.53
N ASN A 89 -11.54 20.11 -14.58
CA ASN A 89 -10.92 21.11 -13.72
C ASN A 89 -11.88 21.70 -12.69
N ASP A 90 -11.36 21.97 -11.49
CA ASP A 90 -12.06 22.77 -10.49
C ASP A 90 -13.48 22.26 -10.20
N LEU A 91 -13.58 21.01 -9.76
CA LEU A 91 -14.88 20.40 -9.43
C LEU A 91 -15.27 20.54 -7.96
N THR A 92 -16.52 20.87 -7.71
CA THR A 92 -17.03 20.91 -6.34
C THR A 92 -17.08 19.47 -5.78
N ARG A 93 -17.28 19.33 -4.49
CA ARG A 93 -17.32 17.99 -3.90
C ARG A 93 -18.53 17.25 -4.46
N GLU A 94 -19.59 18.00 -4.75
CA GLU A 94 -20.77 17.40 -5.35
C GLU A 94 -20.48 16.90 -6.77
N GLU A 95 -19.77 17.70 -7.55
CA GLU A 95 -19.44 17.34 -8.93
C GLU A 95 -18.46 16.15 -9.01
N ILE A 96 -17.54 16.06 -8.07
CA ILE A 96 -16.65 14.89 -8.01
C ILE A 96 -17.48 13.63 -7.77
N VAL A 97 -18.38 13.67 -6.81
CA VAL A 97 -19.18 12.47 -6.52
C VAL A 97 -20.09 12.13 -7.70
N GLU A 98 -20.68 13.14 -8.34
CA GLU A 98 -21.55 12.87 -9.48
C GLU A 98 -20.74 12.26 -10.64
N LEU A 99 -19.52 12.75 -10.82
CA LEU A 99 -18.69 12.32 -11.94
C LEU A 99 -18.29 10.85 -11.79
N MET A 100 -17.84 10.51 -10.60
CA MET A 100 -17.43 9.15 -10.27
C MET A 100 -18.59 8.18 -10.39
N ARG A 101 -19.74 8.59 -9.86
N ARG A 101 -19.74 8.58 -9.86
CA ARG A 101 -20.96 7.79 -9.97
CA ARG A 101 -20.96 7.79 -9.98
C ARG A 101 -21.33 7.52 -11.43
C ARG A 101 -21.29 7.51 -11.46
N ASP A 102 -21.35 8.56 -12.26
CA ASP A 102 -21.69 8.42 -13.67
C ASP A 102 -20.70 7.52 -14.41
N VAL A 103 -19.42 7.72 -14.13
CA VAL A 103 -18.38 6.96 -14.82
C VAL A 103 -18.45 5.47 -14.42
N SER A 104 -18.82 5.21 -13.17
CA SER A 104 -18.96 3.82 -12.69
C SER A 104 -20.21 3.15 -13.27
N LYS A 105 -21.10 3.94 -13.84
CA LYS A 105 -22.34 3.42 -14.44
C LYS A 105 -22.17 3.20 -15.93
N GLU A 106 -21.02 3.61 -16.47
CA GLU A 106 -20.73 3.39 -17.89
C GLU A 106 -20.46 1.92 -18.16
N ASP A 107 -20.60 1.53 -19.43
CA ASP A 107 -20.29 0.16 -19.83
C ASP A 107 -18.82 0.04 -20.16
N HIS A 108 -18.07 -0.62 -19.30
CA HIS A 108 -16.63 -0.73 -19.47
C HIS A 108 -16.24 -2.05 -20.10
N SER A 109 -17.24 -2.76 -20.64
CA SER A 109 -17.05 -4.14 -21.07
C SER A 109 -15.93 -4.31 -22.07
N LYS A 110 -15.71 -3.30 -22.90
CA LYS A 110 -14.66 -3.39 -23.91
C LYS A 110 -13.36 -2.74 -23.45
N ARG A 111 -13.30 -2.35 -22.18
CA ARG A 111 -12.11 -1.68 -21.66
C ARG A 111 -11.29 -2.61 -20.75
N SER A 112 -9.96 -2.52 -20.84
CA SER A 112 -9.07 -3.40 -20.05
C SER A 112 -8.98 -2.98 -18.60
N SER A 113 -9.05 -1.67 -18.36
CA SER A 113 -8.75 -1.14 -17.05
C SER A 113 -9.40 0.21 -16.84
N PHE A 114 -9.19 0.75 -15.65
CA PHE A 114 -9.71 2.06 -15.31
C PHE A 114 -8.67 2.82 -14.51
N VAL A 115 -8.47 4.10 -14.87
CA VAL A 115 -7.53 4.95 -14.15
C VAL A 115 -8.21 6.25 -13.73
N CYS A 116 -8.05 6.59 -12.46
CA CYS A 116 -8.52 7.86 -11.95
C CYS A 116 -7.37 8.65 -11.27
N VAL A 117 -7.09 9.87 -11.74
CA VAL A 117 -6.05 10.71 -11.13
C VAL A 117 -6.69 11.91 -10.42
N LEU A 118 -6.36 12.05 -9.15
CA LEU A 118 -6.92 13.11 -8.31
C LEU A 118 -5.81 14.06 -7.89
N LEU A 119 -5.96 15.33 -8.28
CA LEU A 119 -4.97 16.38 -8.03
C LEU A 119 -5.63 17.48 -7.18
N SER A 120 -5.27 17.58 -5.91
CA SER A 120 -6.00 18.53 -5.06
C SER A 120 -5.36 18.67 -3.70
N HIS A 121 -6.01 19.46 -2.83
CA HIS A 121 -5.69 19.41 -1.42
C HIS A 121 -6.29 18.13 -0.84
N GLY A 122 -5.72 17.66 0.25
CA GLY A 122 -6.32 16.53 0.94
C GLY A 122 -5.85 16.37 2.38
N GLU A 123 -6.43 15.37 3.04
CA GLU A 123 -5.96 14.91 4.34
C GLU A 123 -6.11 13.41 4.33
N GLU A 124 -5.76 12.74 5.42
CA GLU A 124 -5.86 11.29 5.39
C GLU A 124 -7.29 10.85 5.11
N GLY A 125 -7.46 10.08 4.04
CA GLY A 125 -8.74 9.52 3.67
C GLY A 125 -9.63 10.48 2.88
N ILE A 126 -9.08 11.65 2.55
CA ILE A 126 -9.91 12.73 2.03
C ILE A 126 -9.25 13.48 0.88
N ILE A 127 -10.02 13.73 -0.17
CA ILE A 127 -9.61 14.66 -1.21
C ILE A 127 -10.60 15.83 -1.25
N PHE A 128 -10.11 17.03 -1.56
CA PHE A 128 -10.97 18.20 -1.51
C PHE A 128 -11.56 18.57 -2.85
N GLY A 129 -12.88 18.76 -2.87
CA GLY A 129 -13.51 19.47 -3.97
C GLY A 129 -13.24 20.93 -3.73
N THR A 130 -13.64 21.78 -4.66
CA THR A 130 -13.36 23.21 -4.54
C THR A 130 -14.04 23.82 -3.31
N ASN A 131 -15.09 23.18 -2.82
CA ASN A 131 -15.92 23.76 -1.76
C ASN A 131 -15.99 22.91 -0.48
N GLY A 132 -15.19 21.84 -0.44
CA GLY A 132 -15.19 20.98 0.73
C GLY A 132 -14.67 19.59 0.44
N PRO A 133 -14.57 18.74 1.47
CA PRO A 133 -13.92 17.44 1.35
C PRO A 133 -14.84 16.34 0.80
N VAL A 134 -14.24 15.37 0.11
CA VAL A 134 -14.95 14.12 -0.16
C VAL A 134 -14.10 12.95 0.33
N ASP A 135 -14.80 11.99 0.93
CA ASP A 135 -14.19 10.74 1.38
CA ASP A 135 -14.28 10.70 1.36
C ASP A 135 -13.69 9.93 0.19
N LEU A 136 -12.41 9.57 0.22
CA LEU A 136 -11.88 8.72 -0.85
C LEU A 136 -12.62 7.38 -0.90
N LYS A 137 -13.04 6.88 0.25
CA LYS A 137 -13.76 5.61 0.33
C LYS A 137 -15.10 5.67 -0.40
N LYS A 138 -15.71 6.85 -0.42
CA LYS A 138 -16.99 7.02 -1.10
C LYS A 138 -16.80 6.91 -2.61
N ILE A 139 -15.78 7.59 -3.10
CA ILE A 139 -15.37 7.54 -4.51
C ILE A 139 -15.04 6.13 -5.00
N THR A 140 -14.16 5.44 -4.29
CA THR A 140 -13.72 4.12 -4.74
C THR A 140 -14.83 3.08 -4.66
N ASN A 141 -15.75 3.25 -3.71
CA ASN A 141 -16.86 2.31 -3.52
C ASN A 141 -17.74 2.13 -4.76
N PHE A 142 -17.80 3.17 -5.59
CA PHE A 142 -18.56 3.10 -6.84
C PHE A 142 -17.98 2.03 -7.75
N PHE A 143 -16.70 1.72 -7.57
CA PHE A 143 -16.02 0.82 -8.50
C PHE A 143 -15.77 -0.56 -7.93
N ARG A 144 -16.28 -0.80 -6.73
CA ARG A 144 -16.31 -2.14 -6.11
C ARG A 144 -16.69 -3.22 -7.12
N GLY A 145 -16.12 -4.40 -6.95
CA GLY A 145 -16.36 -5.52 -7.84
C GLY A 145 -17.84 -5.84 -8.01
N ASP A 146 -18.62 -5.59 -6.97
CA ASP A 146 -20.05 -5.90 -7.05
C ASP A 146 -20.92 -4.73 -7.55
N ARG A 147 -20.35 -3.53 -7.59
CA ARG A 147 -21.13 -2.35 -7.97
C ARG A 147 -20.84 -1.86 -9.37
N CYS A 148 -19.65 -2.16 -9.89
CA CYS A 148 -19.33 -1.86 -11.28
C CYS A 148 -18.92 -3.16 -11.99
N ARG A 149 -19.90 -3.89 -12.48
CA ARG A 149 -19.68 -5.27 -12.96
CA ARG A 149 -19.65 -5.26 -12.95
C ARG A 149 -18.79 -5.35 -14.20
N SER A 150 -18.80 -4.31 -15.04
CA SER A 150 -17.99 -4.33 -16.24
C SER A 150 -16.52 -3.98 -15.95
N LEU A 151 -16.20 -3.71 -14.69
CA LEU A 151 -14.80 -3.58 -14.30
C LEU A 151 -14.38 -4.70 -13.34
N THR A 152 -15.29 -5.62 -13.01
CA THR A 152 -14.93 -6.74 -12.15
C THR A 152 -13.77 -7.54 -12.73
N GLY A 153 -12.76 -7.83 -11.94
CA GLY A 153 -11.63 -8.61 -12.41
C GLY A 153 -10.61 -7.79 -13.18
N LYS A 154 -10.89 -6.50 -13.33
CA LYS A 154 -9.99 -5.60 -14.04
C LYS A 154 -9.36 -4.59 -13.09
N PRO A 155 -8.12 -4.17 -13.40
CA PRO A 155 -7.37 -3.24 -12.54
C PRO A 155 -7.96 -1.85 -12.53
N LYS A 156 -8.19 -1.33 -11.33
CA LYS A 156 -8.71 0.02 -11.12
C LYS A 156 -7.64 0.81 -10.37
N LEU A 157 -7.04 1.77 -11.07
CA LEU A 157 -5.89 2.52 -10.55
C LEU A 157 -6.28 3.90 -10.11
N PHE A 158 -6.01 4.20 -8.84
CA PHE A 158 -6.24 5.53 -8.33
C PHE A 158 -4.93 6.21 -7.98
N ILE A 159 -4.66 7.31 -8.68
CA ILE A 159 -3.38 8.03 -8.54
C ILE A 159 -3.64 9.35 -7.84
N ILE A 160 -3.03 9.57 -6.67
CA ILE A 160 -3.47 10.68 -5.83
C ILE A 160 -2.33 11.60 -5.43
N GLN A 161 -2.37 12.82 -5.98
CA GLN A 161 -1.48 13.91 -5.57
C GLN A 161 -2.24 14.79 -4.58
N ALA A 162 -1.91 14.66 -3.31
CA ALA A 162 -2.65 15.35 -2.25
C ALA A 162 -1.97 15.12 -0.91
N CYS A 163 -2.15 16.03 0.04
CA CYS A 163 -1.59 15.79 1.37
C CYS A 163 -2.36 14.69 2.10
N ARG A 164 -1.69 14.05 3.05
CA ARG A 164 -2.31 12.98 3.85
C ARG A 164 -2.19 13.33 5.31
N GLY A 165 -2.00 14.62 5.58
CA GLY A 165 -1.78 15.10 6.93
C GLY A 165 -0.82 16.27 6.91
N THR A 166 -0.17 16.55 8.04
CA THR A 166 0.71 17.73 8.13
C THR A 166 2.11 17.40 8.63
N GLU A 167 2.49 16.13 8.62
CA GLU A 167 3.86 15.79 9.02
C GLU A 167 4.89 16.13 7.94
N LEU A 168 6.10 16.47 8.39
CA LEU A 168 7.20 16.77 7.47
C LEU A 168 8.31 15.75 7.70
N ASP A 169 8.89 15.29 6.60
CA ASP A 169 9.96 14.30 6.66
C ASP A 169 11.31 15.04 6.58
N CYS A 170 12.07 14.98 7.66
N CYS A 170 12.08 14.97 7.66
CA CYS A 170 13.33 15.70 7.77
CA CYS A 170 13.33 15.73 7.74
C CYS A 170 14.45 15.03 6.98
C CYS A 170 14.46 15.02 7.02
N GLY A 171 14.23 13.78 6.61
CA GLY A 171 15.22 13.02 5.88
C GLY A 171 16.40 12.62 6.76
N ILE A 172 17.29 11.80 6.21
CA ILE A 172 18.54 11.43 6.89
C ILE A 172 19.62 11.37 5.83
N GLU A 173 20.80 11.92 6.13
CA GLU A 173 21.85 12.00 5.13
C GLU A 173 22.37 10.61 4.74
N THR A 174 22.72 10.49 3.46
CA THR A 174 23.13 9.25 2.81
C THR A 174 22.24 8.08 3.20
N CYS A 184 -20.07 -21.16 -5.80
CA CYS A 184 -19.50 -20.33 -6.86
C CYS A 184 -18.08 -19.87 -6.55
N HIS A 185 -17.30 -19.63 -7.59
CA HIS A 185 -16.06 -18.88 -7.43
C HIS A 185 -16.42 -17.40 -7.32
N LYS A 186 -15.90 -16.75 -6.29
CA LYS A 186 -16.13 -15.33 -6.07
C LYS A 186 -14.79 -14.63 -5.91
N ILE A 187 -14.73 -13.35 -6.22
CA ILE A 187 -13.57 -12.53 -5.89
CA ILE A 187 -13.56 -12.58 -5.82
C ILE A 187 -13.99 -11.52 -4.81
N PRO A 188 -13.05 -11.03 -4.01
CA PRO A 188 -13.43 -9.98 -3.05
C PRO A 188 -13.84 -8.71 -3.80
N VAL A 189 -14.73 -7.91 -3.21
CA VAL A 189 -15.22 -6.73 -3.92
C VAL A 189 -14.16 -5.64 -3.86
N GLU A 190 -13.23 -5.74 -2.91
CA GLU A 190 -12.13 -4.77 -2.81
C GLU A 190 -10.87 -5.19 -3.59
N ALA A 191 -10.93 -6.34 -4.25
CA ALA A 191 -9.81 -6.78 -5.08
C ALA A 191 -9.62 -5.95 -6.34
N ASP A 192 -8.37 -5.90 -6.82
CA ASP A 192 -8.02 -5.31 -8.10
C ASP A 192 -8.04 -3.79 -8.08
N PHE A 193 -7.90 -3.21 -6.89
CA PHE A 193 -7.62 -1.79 -6.73
C PHE A 193 -6.13 -1.55 -6.49
N LEU A 194 -5.62 -0.45 -7.03
CA LEU A 194 -4.29 0.02 -6.69
C LEU A 194 -4.39 1.51 -6.42
N PHE A 195 -3.79 1.93 -5.30
CA PHE A 195 -3.70 3.33 -4.95
C PHE A 195 -2.25 3.76 -4.94
N ALA A 196 -1.88 4.64 -5.86
CA ALA A 196 -0.53 5.17 -5.86
C ALA A 196 -0.61 6.56 -5.25
N TYR A 197 -0.27 6.65 -3.97
CA TYR A 197 -0.29 7.92 -3.24
C TYR A 197 1.04 8.66 -3.38
N SER A 198 0.98 9.98 -3.50
CA SER A 198 2.18 10.80 -3.63
C SER A 198 3.08 10.77 -2.39
N THR A 199 2.50 10.45 -1.24
CA THR A 199 3.23 10.62 0.02
C THR A 199 2.77 9.58 1.04
N ALA A 200 3.56 9.42 2.10
CA ALA A 200 3.23 8.45 3.14
C ALA A 200 2.08 8.92 4.02
N PRO A 201 1.35 7.97 4.64
CA PRO A 201 0.25 8.38 5.53
C PRO A 201 0.69 9.38 6.60
N GLY A 202 -0.12 10.41 6.83
CA GLY A 202 0.19 11.41 7.84
C GLY A 202 0.97 12.60 7.33
N TYR A 203 1.55 12.51 6.13
CA TYR A 203 2.51 13.53 5.67
C TYR A 203 1.95 14.52 4.63
N TYR A 204 2.52 15.73 4.61
CA TYR A 204 2.33 16.66 3.49
C TYR A 204 2.81 16.04 2.20
N SER A 205 2.27 16.49 1.08
CA SER A 205 2.81 16.16 -0.24
C SER A 205 3.33 17.45 -0.87
N TRP A 206 4.42 17.37 -1.62
CA TRP A 206 5.05 18.60 -2.18
C TRP A 206 4.75 18.83 -3.65
N ARG A 207 4.58 20.10 -3.97
CA ARG A 207 4.27 20.53 -5.33
C ARG A 207 5.13 21.73 -5.68
N ASN A 208 5.81 21.68 -6.81
CA ASN A 208 6.57 22.86 -7.22
C ASN A 208 5.71 23.72 -8.16
N SER A 209 5.63 25.04 -7.89
CA SER A 209 4.69 25.88 -8.63
C SER A 209 5.06 26.03 -10.10
N LYS A 210 6.34 25.83 -10.41
CA LYS A 210 6.83 25.97 -11.77
C LYS A 210 6.90 24.62 -12.49
N ASP A 211 7.34 23.59 -11.78
CA ASP A 211 7.58 22.27 -12.35
C ASP A 211 6.45 21.27 -12.18
N GLY A 212 5.52 21.55 -11.26
CA GLY A 212 4.46 20.61 -10.96
C GLY A 212 4.85 19.76 -9.76
N SER A 213 3.98 18.84 -9.36
CA SER A 213 4.26 18.05 -8.15
C SER A 213 5.40 17.03 -8.33
N TRP A 214 6.13 16.80 -7.25
CA TRP A 214 7.27 15.90 -7.30
C TRP A 214 6.85 14.52 -7.82
N PHE A 215 5.74 14.04 -7.27
CA PHE A 215 5.23 12.71 -7.58
C PHE A 215 4.75 12.58 -9.04
N ILE A 216 3.89 13.49 -9.45
CA ILE A 216 3.36 13.41 -10.82
C ILE A 216 4.47 13.59 -11.85
N GLN A 217 5.38 14.53 -11.62
CA GLN A 217 6.60 14.73 -12.42
CA GLN A 217 6.44 14.68 -12.58
C GLN A 217 7.31 13.41 -12.65
N SER A 218 7.57 12.76 -11.52
CA SER A 218 8.33 11.53 -11.52
C SER A 218 7.53 10.37 -12.12
N LEU A 219 6.25 10.30 -11.78
CA LEU A 219 5.39 9.25 -12.34
C LEU A 219 5.38 9.28 -13.86
N CYS A 220 5.19 10.49 -14.43
CA CYS A 220 5.12 10.62 -15.88
C CYS A 220 6.44 10.29 -16.54
N ALA A 221 7.55 10.74 -15.94
CA ALA A 221 8.86 10.41 -16.49
C ALA A 221 9.11 8.90 -16.46
N MET A 222 8.78 8.25 -15.35
CA MET A 222 9.06 6.82 -15.26
C MET A 222 8.18 6.00 -16.22
N LEU A 223 6.92 6.42 -16.38
CA LEU A 223 6.04 5.76 -17.32
C LEU A 223 6.58 5.92 -18.75
N LYS A 224 6.93 7.15 -19.13
CA LYS A 224 7.50 7.40 -20.45
CA LYS A 224 7.51 7.40 -20.44
C LYS A 224 8.73 6.52 -20.73
N GLN A 225 9.61 6.40 -19.73
CA GLN A 225 10.83 5.63 -19.90
C GLN A 225 10.62 4.11 -19.83
N TYR A 226 9.71 3.66 -18.97
CA TYR A 226 9.65 2.23 -18.65
C TYR A 226 8.37 1.50 -18.97
N ALA A 227 7.35 2.21 -19.47
CA ALA A 227 6.06 1.56 -19.69
C ALA A 227 6.15 0.45 -20.72
N ASP A 228 7.14 0.53 -21.61
CA ASP A 228 7.33 -0.52 -22.62
C ASP A 228 8.25 -1.65 -22.15
N LYS A 229 8.67 -1.65 -20.90
CA LYS A 229 9.58 -2.71 -20.46
C LYS A 229 9.42 -3.24 -19.03
N LEU A 230 8.66 -2.55 -18.18
CA LEU A 230 8.54 -2.96 -16.77
C LEU A 230 7.08 -3.14 -16.34
N GLU A 231 6.85 -4.07 -15.43
CA GLU A 231 5.54 -4.25 -14.80
C GLU A 231 5.23 -2.99 -13.98
N PHE A 232 3.95 -2.67 -13.79
CA PHE A 232 3.57 -1.41 -13.13
C PHE A 232 4.16 -1.21 -11.73
N MET A 233 4.11 -2.24 -10.87
CA MET A 233 4.68 -2.11 -9.51
C MET A 233 6.16 -1.73 -9.51
N HIS A 234 6.89 -2.28 -10.48
CA HIS A 234 8.30 -1.96 -10.63
C HIS A 234 8.50 -0.53 -11.18
N ILE A 235 7.56 -0.07 -12.01
CA ILE A 235 7.61 1.31 -12.44
C ILE A 235 7.39 2.23 -11.23
N LEU A 236 6.39 1.91 -10.40
CA LEU A 236 6.08 2.75 -9.23
C LEU A 236 7.20 2.70 -8.19
N THR A 237 7.94 1.60 -8.16
CA THR A 237 9.08 1.52 -7.25
C THR A 237 10.16 2.48 -7.71
N ARG A 238 10.36 2.60 -9.01
CA ARG A 238 11.30 3.58 -9.57
CA ARG A 238 11.32 3.57 -9.54
C ARG A 238 10.82 5.01 -9.29
N VAL A 239 9.52 5.20 -9.27
CA VAL A 239 8.94 6.51 -8.94
C VAL A 239 9.25 6.79 -7.47
N ASN A 240 9.07 5.79 -6.63
CA ASN A 240 9.46 5.90 -5.22
C ASN A 240 10.90 6.36 -5.05
N ARG A 241 11.78 5.72 -5.80
CA ARG A 241 13.21 5.96 -5.80
C ARG A 241 13.48 7.40 -6.23
N LYS A 242 12.86 7.80 -7.32
CA LYS A 242 13.09 9.12 -7.90
C LYS A 242 12.67 10.23 -6.93
N VAL A 243 11.44 10.14 -6.40
CA VAL A 243 10.96 11.18 -5.49
C VAL A 243 11.82 11.20 -4.24
N ALA A 244 12.16 10.02 -3.72
CA ALA A 244 12.91 9.96 -2.47
C ALA A 244 14.31 10.57 -2.58
N THR A 245 14.96 10.40 -3.73
CA THR A 245 16.37 10.75 -3.85
C THR A 245 16.63 12.08 -4.56
N GLU A 246 15.79 12.43 -5.52
CA GLU A 246 16.10 13.57 -6.38
C GLU A 246 15.44 14.87 -5.96
N PHE A 247 14.54 14.79 -4.99
CA PHE A 247 13.79 15.97 -4.57
C PHE A 247 14.02 16.31 -3.12
N GLU A 248 14.06 17.61 -2.85
CA GLU A 248 14.18 18.12 -1.49
C GLU A 248 13.66 19.54 -1.45
N SER A 249 12.88 19.89 -0.42
CA SER A 249 12.25 21.20 -0.42
C SER A 249 13.27 22.32 -0.21
N PHE A 250 12.98 23.46 -0.84
CA PHE A 250 13.74 24.69 -0.58
C PHE A 250 12.77 25.74 -0.11
N SER A 251 12.95 26.25 1.09
CA SER A 251 12.05 27.26 1.65
C SER A 251 12.79 28.31 2.45
N PHE A 252 12.33 29.56 2.38
CA PHE A 252 12.88 30.61 3.24
C PHE A 252 12.41 30.39 4.67
N ASP A 253 11.45 29.47 4.81
CA ASP A 253 10.86 29.13 6.11
C ASP A 253 11.54 27.88 6.67
N ALA A 254 12.32 28.02 7.75
CA ALA A 254 13.09 26.89 8.30
C ALA A 254 12.21 25.68 8.58
N THR A 255 10.99 25.92 9.08
CA THR A 255 10.08 24.83 9.35
C THR A 255 9.88 23.96 8.10
N PHE A 256 9.82 24.58 6.94
CA PHE A 256 9.50 23.84 5.72
C PHE A 256 10.68 23.55 4.80
N HIS A 257 11.88 23.89 5.24
CA HIS A 257 13.05 23.78 4.38
C HIS A 257 13.74 22.43 4.50
N ALA A 258 14.29 21.94 3.39
CA ALA A 258 15.12 20.74 3.35
C ALA A 258 14.35 19.46 3.71
N LYS A 259 13.10 19.42 3.28
CA LYS A 259 12.19 18.29 3.58
C LYS A 259 12.11 17.26 2.46
N LYS A 260 11.73 16.04 2.82
CA LYS A 260 11.78 14.91 1.88
C LYS A 260 10.42 14.26 1.76
N GLN A 261 10.30 13.36 0.79
CA GLN A 261 9.03 12.70 0.49
C GLN A 261 9.25 11.31 -0.04
N ILE A 262 8.44 10.36 0.46
CA ILE A 262 8.41 9.03 -0.10
C ILE A 262 6.93 8.71 -0.46
N PRO A 263 6.67 8.38 -1.73
CA PRO A 263 5.31 8.02 -2.13
C PRO A 263 4.95 6.69 -1.49
N CYS A 264 3.68 6.30 -1.59
CA CYS A 264 3.23 5.05 -0.97
C CYS A 264 2.35 4.30 -1.93
N ILE A 265 2.74 3.07 -2.27
CA ILE A 265 1.92 2.22 -3.12
C ILE A 265 1.03 1.36 -2.28
N HIS A 266 -0.27 1.39 -2.51
CA HIS A 266 -1.16 0.45 -1.83
C HIS A 266 -1.75 -0.48 -2.87
N SER A 267 -1.30 -1.73 -2.91
CA SER A 267 -1.76 -2.62 -3.95
C SER A 267 -2.65 -3.74 -3.45
N MET A 268 -3.85 -3.78 -4.01
CA MET A 268 -4.77 -4.88 -3.81
C MET A 268 -4.98 -5.56 -5.15
N LEU A 269 -3.98 -5.44 -6.01
CA LEU A 269 -4.03 -6.10 -7.32
C LEU A 269 -3.80 -7.59 -7.18
N THR A 270 -4.34 -8.37 -8.11
CA THR A 270 -4.21 -9.82 -8.01
C THR A 270 -3.36 -10.38 -9.15
N LYS A 271 -2.93 -9.51 -10.05
CA LYS A 271 -2.09 -9.92 -11.18
C LYS A 271 -1.11 -8.81 -11.54
N GLU A 272 -0.14 -9.14 -12.37
CA GLU A 272 0.84 -8.17 -12.83
C GLU A 272 0.19 -7.33 -13.92
N LEU A 273 0.62 -6.07 -14.00
CA LEU A 273 0.00 -5.13 -14.92
C LEU A 273 1.06 -4.60 -15.87
N TYR A 274 0.88 -4.87 -17.16
CA TYR A 274 1.79 -4.39 -18.20
C TYR A 274 1.04 -3.51 -19.19
N PHE A 275 1.70 -2.45 -19.65
CA PHE A 275 1.07 -1.55 -20.59
C PHE A 275 1.42 -1.91 -22.04
N TYR A 276 2.21 -2.95 -22.24
CA TYR A 276 2.45 -3.46 -23.59
C TYR A 276 1.85 -4.84 -23.78
N ASP B 34 21.05 1.95 -8.05
CA ASP B 34 20.79 0.55 -8.33
C ASP B 34 19.29 0.27 -8.41
N ASN B 35 18.92 -0.73 -9.20
CA ASN B 35 17.53 -1.13 -9.38
C ASN B 35 17.06 -2.08 -8.28
N SER B 36 18.00 -2.75 -7.62
N SER B 36 18.01 -2.76 -7.63
CA SER B 36 17.64 -3.74 -6.61
CA SER B 36 17.71 -3.76 -6.63
C SER B 36 18.49 -3.57 -5.35
C SER B 36 18.48 -3.50 -5.34
N TYR B 37 17.87 -3.84 -4.21
CA TYR B 37 18.57 -3.77 -2.94
C TYR B 37 19.77 -4.73 -2.98
N LYS B 38 20.88 -4.30 -2.37
CA LYS B 38 22.04 -5.16 -2.18
C LYS B 38 21.68 -6.20 -1.12
N MET B 39 21.67 -7.47 -1.50
CA MET B 39 21.25 -8.53 -0.59
C MET B 39 22.35 -9.56 -0.36
N ASP B 40 23.59 -9.13 -0.57
CA ASP B 40 24.74 -10.02 -0.42
C ASP B 40 25.67 -9.54 0.70
N TYR B 41 25.07 -8.90 1.71
CA TYR B 41 25.72 -8.69 2.98
C TYR B 41 25.98 -10.08 3.58
N PRO B 42 26.90 -10.18 4.55
CA PRO B 42 27.16 -11.49 5.16
C PRO B 42 25.90 -12.25 5.63
N GLU B 43 24.90 -11.51 6.11
CA GLU B 43 23.68 -12.08 6.67
C GLU B 43 22.44 -11.52 5.96
N MET B 44 21.40 -12.32 5.77
CA MET B 44 20.17 -11.79 5.15
C MET B 44 19.51 -10.81 6.12
N GLY B 45 19.61 -11.10 7.42
CA GLY B 45 19.01 -10.27 8.43
C GLY B 45 18.22 -11.04 9.48
N LEU B 46 17.66 -10.31 10.44
CA LEU B 46 16.77 -10.91 11.43
C LEU B 46 15.36 -11.11 10.87
N CYS B 47 14.72 -12.19 11.30
CA CYS B 47 13.30 -12.35 11.10
C CYS B 47 12.67 -12.51 12.47
N ILE B 48 12.07 -11.44 12.97
CA ILE B 48 11.39 -11.49 14.26
C ILE B 48 9.93 -11.89 14.08
N ILE B 49 9.52 -12.98 14.72
CA ILE B 49 8.12 -13.42 14.63
C ILE B 49 7.43 -13.27 15.99
N ILE B 50 6.46 -12.37 16.09
CA ILE B 50 5.73 -12.23 17.35
C ILE B 50 4.38 -12.95 17.25
N ASN B 51 4.23 -14.00 18.03
CA ASN B 51 3.09 -14.90 17.91
C ASN B 51 2.19 -14.80 19.13
N ASN B 52 1.13 -14.01 19.04
CA ASN B 52 0.22 -13.83 20.18
C ASN B 52 -1.03 -14.67 20.02
N LYS B 53 -1.12 -15.71 20.83
CA LYS B 53 -2.21 -16.67 20.76
C LYS B 53 -3.24 -16.46 21.87
N ASN B 54 -2.76 -16.24 23.08
CA ASN B 54 -3.63 -16.11 24.25
C ASN B 54 -3.56 -14.73 24.89
N PHE B 55 -4.73 -14.15 25.14
CA PHE B 55 -4.79 -12.81 25.67
C PHE B 55 -5.43 -12.80 27.05
N HIS B 56 -4.94 -11.90 27.91
CA HIS B 56 -5.43 -11.80 29.29
C HIS B 56 -6.95 -11.71 29.37
N LYS B 57 -7.52 -12.35 30.39
CA LYS B 57 -8.96 -12.34 30.59
C LYS B 57 -9.48 -10.92 30.66
N SER B 58 -8.66 -10.03 31.20
CA SER B 58 -9.00 -8.61 31.29
C SER B 58 -9.25 -7.99 29.92
N THR B 59 -8.83 -8.69 28.87
CA THR B 59 -8.99 -8.22 27.50
C THR B 59 -10.23 -8.81 26.83
N GLY B 60 -10.51 -10.07 27.12
CA GLY B 60 -11.62 -10.79 26.52
C GLY B 60 -11.30 -11.47 25.19
N MET B 61 -10.42 -10.84 24.41
CA MET B 61 -10.11 -11.30 23.05
CA MET B 61 -10.08 -11.30 23.06
C MET B 61 -9.98 -12.82 22.92
N THR B 62 -10.47 -13.35 21.81
CA THR B 62 -10.44 -14.79 21.53
C THR B 62 -9.03 -15.36 21.38
N SER B 63 -8.85 -16.59 21.85
CA SER B 63 -7.61 -17.30 21.62
C SER B 63 -7.47 -17.63 20.12
N ARG B 64 -6.30 -17.33 19.56
CA ARG B 64 -6.14 -17.37 18.10
C ARG B 64 -5.71 -18.75 17.59
N SER B 65 -6.61 -19.72 17.66
CA SER B 65 -6.32 -21.09 17.21
C SER B 65 -5.78 -21.13 15.79
N GLY B 66 -4.74 -21.92 15.57
CA GLY B 66 -4.13 -22.02 14.26
C GLY B 66 -2.89 -21.17 14.12
N THR B 67 -2.70 -20.22 15.03
CA THR B 67 -1.59 -19.29 14.87
C THR B 67 -0.25 -19.99 15.08
N ASP B 68 -0.24 -21.11 15.80
CA ASP B 68 1.02 -21.81 15.98
C ASP B 68 1.45 -22.46 14.67
N VAL B 69 0.48 -22.90 13.87
CA VAL B 69 0.76 -23.42 12.52
C VAL B 69 1.42 -22.32 11.68
N ASP B 70 0.86 -21.11 11.74
CA ASP B 70 1.45 -19.96 11.04
C ASP B 70 2.88 -19.72 11.51
N ALA B 71 3.07 -19.64 12.81
CA ALA B 71 4.39 -19.29 13.34
C ALA B 71 5.46 -20.33 12.94
N ALA B 72 5.06 -21.60 12.91
CA ALA B 72 5.99 -22.67 12.54
C ALA B 72 6.26 -22.65 11.04
N ASN B 73 5.24 -22.29 10.26
CA ASN B 73 5.35 -22.22 8.81
C ASN B 73 6.33 -21.10 8.43
N LEU B 74 6.18 -19.96 9.09
CA LEU B 74 7.03 -18.78 8.86
C LEU B 74 8.47 -19.03 9.29
N ARG B 75 8.63 -19.70 10.43
CA ARG B 75 9.97 -20.01 10.91
C ARG B 75 10.71 -20.84 9.86
N GLU B 76 10.04 -21.86 9.35
CA GLU B 76 10.64 -22.74 8.35
C GLU B 76 10.90 -22.02 7.03
N THR B 77 9.91 -21.23 6.61
CA THR B 77 10.00 -20.51 5.34
C THR B 77 11.18 -19.54 5.38
N PHE B 78 11.26 -18.74 6.44
CA PHE B 78 12.34 -17.76 6.49
C PHE B 78 13.69 -18.38 6.83
N ARG B 79 13.68 -19.56 7.43
CA ARG B 79 14.92 -20.30 7.65
C ARG B 79 15.53 -20.66 6.29
N ASN B 80 14.67 -21.10 5.38
CA ASN B 80 15.10 -21.50 4.04
C ASN B 80 15.55 -20.29 3.22
N LEU B 81 15.09 -19.11 3.60
CA LEU B 81 15.53 -17.87 2.94
C LEU B 81 16.81 -17.34 3.57
N LYS B 82 17.28 -18.06 4.59
CA LYS B 82 18.53 -17.77 5.27
C LYS B 82 18.45 -16.58 6.23
N TYR B 83 17.26 -16.34 6.77
CA TYR B 83 17.10 -15.37 7.86
C TYR B 83 17.41 -15.95 9.22
N GLU B 84 17.95 -15.12 10.10
CA GLU B 84 18.11 -15.49 11.50
C GLU B 84 16.77 -15.27 12.19
N VAL B 85 16.00 -16.36 12.35
CA VAL B 85 14.63 -16.26 12.87
C VAL B 85 14.58 -16.27 14.38
N ARG B 86 13.86 -15.31 14.97
CA ARG B 86 13.60 -15.33 16.41
C ARG B 86 12.10 -15.37 16.64
N ASN B 87 11.60 -16.48 17.20
CA ASN B 87 10.19 -16.59 17.55
C ASN B 87 9.95 -16.07 18.97
N LYS B 88 8.89 -15.29 19.14
CA LYS B 88 8.48 -14.78 20.45
C LYS B 88 6.99 -15.04 20.62
N ASN B 89 6.59 -15.60 21.76
CA ASN B 89 5.19 -15.91 21.96
C ASN B 89 4.56 -15.09 23.08
N ASP B 90 3.32 -14.65 22.83
CA ASP B 90 2.44 -14.08 23.85
C ASP B 90 3.11 -12.94 24.60
N LEU B 91 3.31 -11.83 23.89
CA LEU B 91 3.97 -10.66 24.46
C LEU B 91 2.96 -9.55 24.77
N THR B 92 3.10 -8.98 25.96
CA THR B 92 2.28 -7.83 26.35
C THR B 92 2.63 -6.65 25.42
N ARG B 93 1.79 -5.61 25.41
CA ARG B 93 2.10 -4.50 24.52
C ARG B 93 3.40 -3.81 24.97
N GLU B 94 3.69 -3.85 26.26
CA GLU B 94 4.95 -3.33 26.80
C GLU B 94 6.16 -4.12 26.30
N GLU B 95 6.03 -5.44 26.26
CA GLU B 95 7.14 -6.27 25.81
C GLU B 95 7.38 -6.16 24.29
N ILE B 96 6.30 -5.97 23.53
CA ILE B 96 6.40 -5.74 22.10
C ILE B 96 7.21 -4.47 21.81
N VAL B 97 6.85 -3.38 22.48
CA VAL B 97 7.59 -2.13 22.30
C VAL B 97 9.05 -2.25 22.74
N GLU B 98 9.29 -2.95 23.86
CA GLU B 98 10.64 -3.13 24.38
C GLU B 98 11.49 -4.01 23.46
N LEU B 99 10.86 -5.03 22.88
CA LEU B 99 11.57 -5.94 21.98
C LEU B 99 12.00 -5.20 20.72
N MET B 100 11.07 -4.42 20.16
CA MET B 100 11.32 -3.66 18.96
C MET B 100 12.38 -2.58 19.19
N ARG B 101 12.29 -1.90 20.32
CA ARG B 101 13.35 -0.95 20.70
C ARG B 101 14.70 -1.63 20.72
N ASP B 102 14.85 -2.72 21.46
CA ASP B 102 16.16 -3.36 21.60
C ASP B 102 16.69 -3.87 20.25
N VAL B 103 15.82 -4.42 19.42
CA VAL B 103 16.28 -4.94 18.14
C VAL B 103 16.74 -3.80 17.25
N SER B 104 16.07 -2.67 17.33
CA SER B 104 16.45 -1.50 16.52
C SER B 104 17.78 -0.91 16.98
N LYS B 105 18.21 -1.30 18.19
CA LYS B 105 19.46 -0.80 18.75
C LYS B 105 20.62 -1.75 18.50
N GLU B 106 20.33 -2.91 17.92
CA GLU B 106 21.39 -3.82 17.52
C GLU B 106 22.14 -3.28 16.32
N ASP B 107 23.31 -3.84 16.08
CA ASP B 107 24.12 -3.47 14.93
C ASP B 107 23.76 -4.34 13.73
N HIS B 108 23.07 -3.76 12.76
CA HIS B 108 22.65 -4.51 11.58
C HIS B 108 23.58 -4.27 10.38
N SER B 109 24.82 -3.85 10.64
N SER B 109 24.81 -3.84 10.64
CA SER B 109 25.72 -3.45 9.57
CA SER B 109 25.71 -3.45 9.55
C SER B 109 26.02 -4.59 8.59
C SER B 109 26.00 -4.60 8.58
N LYS B 110 26.06 -5.82 9.10
CA LYS B 110 26.36 -6.99 8.28
C LYS B 110 25.12 -7.69 7.73
N ARG B 111 23.94 -7.08 7.94
CA ARG B 111 22.67 -7.66 7.53
C ARG B 111 22.08 -6.93 6.32
N SER B 112 21.50 -7.67 5.38
CA SER B 112 20.93 -7.09 4.16
C SER B 112 19.58 -6.40 4.40
N SER B 113 18.84 -6.90 5.39
CA SER B 113 17.45 -6.52 5.53
C SER B 113 16.94 -6.78 6.94
N PHE B 114 15.72 -6.37 7.20
CA PHE B 114 15.05 -6.67 8.45
C PHE B 114 13.62 -7.11 8.20
N VAL B 115 13.22 -8.23 8.80
CA VAL B 115 11.83 -8.71 8.67
C VAL B 115 11.17 -8.82 10.04
N CYS B 116 9.94 -8.33 10.15
CA CYS B 116 9.16 -8.49 11.37
C CYS B 116 7.76 -9.01 11.05
N VAL B 117 7.36 -10.11 11.69
CA VAL B 117 6.03 -10.67 11.45
C VAL B 117 5.20 -10.58 12.73
N LEU B 118 4.02 -10.00 12.59
CA LEU B 118 3.13 -9.74 13.71
C LEU B 118 1.88 -10.57 13.53
N LEU B 119 1.65 -11.47 14.47
CA LEU B 119 0.53 -12.39 14.42
C LEU B 119 -0.31 -12.13 15.65
N SER B 120 -1.50 -11.58 15.48
CA SER B 120 -2.31 -11.21 16.64
C SER B 120 -3.65 -10.65 16.20
N HIS B 121 -4.42 -10.16 17.18
CA HIS B 121 -5.62 -9.40 16.87
C HIS B 121 -5.18 -8.00 16.49
N GLY B 122 -6.08 -7.24 15.87
CA GLY B 122 -5.77 -5.87 15.55
C GLY B 122 -7.01 -5.07 15.16
N GLU B 123 -6.77 -3.79 14.92
CA GLU B 123 -7.78 -2.87 14.42
C GLU B 123 -6.99 -1.97 13.50
N GLU B 124 -7.67 -1.09 12.75
CA GLU B 124 -6.93 -0.23 11.83
C GLU B 124 -5.81 0.52 12.56
N GLY B 125 -4.58 0.32 12.10
CA GLY B 125 -3.42 1.04 12.64
C GLY B 125 -2.89 0.44 13.93
N ILE B 126 -3.40 -0.72 14.30
CA ILE B 126 -3.18 -1.24 15.65
C ILE B 126 -2.96 -2.75 15.70
N ILE B 127 -2.02 -3.18 16.53
CA ILE B 127 -1.77 -4.59 16.82
CA ILE B 127 -1.91 -4.61 16.82
C ILE B 127 -1.98 -4.82 18.32
N PHE B 128 -2.48 -6.00 18.70
CA PHE B 128 -2.70 -6.25 20.12
C PHE B 128 -1.57 -7.03 20.77
N GLY B 129 -1.03 -6.47 21.84
CA GLY B 129 -0.27 -7.25 22.79
C GLY B 129 -1.28 -8.08 23.55
N THR B 130 -0.81 -9.01 24.37
CA THR B 130 -1.70 -9.89 25.10
C THR B 130 -2.63 -9.15 26.07
N ASN B 131 -2.22 -7.94 26.44
CA ASN B 131 -2.96 -7.17 27.44
C ASN B 131 -3.51 -5.84 26.91
N GLY B 132 -3.42 -5.62 25.60
CA GLY B 132 -3.99 -4.41 25.01
C GLY B 132 -3.37 -4.00 23.69
N PRO B 133 -3.95 -2.98 23.04
CA PRO B 133 -3.52 -2.50 21.72
C PRO B 133 -2.27 -1.64 21.79
N VAL B 134 -1.43 -1.78 20.77
CA VAL B 134 -0.29 -0.88 20.57
C VAL B 134 -0.31 -0.31 19.14
N ASP B 135 0.10 0.94 18.99
CA ASP B 135 0.12 1.59 17.68
C ASP B 135 1.23 1.03 16.79
N LEU B 136 0.88 0.63 15.57
CA LEU B 136 1.88 0.12 14.64
C LEU B 136 2.97 1.15 14.41
N LYS B 137 2.54 2.42 14.29
CA LYS B 137 3.48 3.52 14.08
C LYS B 137 4.52 3.60 15.20
N LYS B 138 4.11 3.24 16.42
CA LYS B 138 5.04 3.27 17.54
C LYS B 138 6.10 2.16 17.41
N ILE B 139 5.72 1.04 16.83
CA ILE B 139 6.66 -0.07 16.59
C ILE B 139 7.61 0.26 15.44
N THR B 140 7.06 0.73 14.33
CA THR B 140 7.85 0.97 13.13
C THR B 140 8.76 2.19 13.25
N ASN B 141 8.40 3.14 14.11
CA ASN B 141 9.22 4.34 14.26
C ASN B 141 10.66 4.06 14.71
N PHE B 142 10.84 3.01 15.49
CA PHE B 142 12.19 2.63 15.94
C PHE B 142 13.13 2.37 14.77
N PHE B 143 12.56 1.98 13.63
CA PHE B 143 13.38 1.58 12.48
C PHE B 143 13.49 2.64 11.39
N ARG B 144 12.96 3.84 11.67
CA ARG B 144 13.14 5.00 10.78
C ARG B 144 14.60 5.17 10.36
N GLY B 145 14.80 5.71 9.16
CA GLY B 145 16.12 5.87 8.58
C GLY B 145 17.06 6.64 9.48
N ASP B 146 16.50 7.56 10.27
CA ASP B 146 17.33 8.36 11.18
C ASP B 146 17.46 7.75 12.58
N ARG B 147 16.63 6.75 12.90
CA ARG B 147 16.63 6.17 14.25
C ARG B 147 17.33 4.82 14.33
N CYS B 148 17.47 4.15 13.18
CA CYS B 148 18.23 2.90 13.12
C CYS B 148 19.21 3.00 11.96
N ARG B 149 20.40 3.53 12.21
CA ARG B 149 21.29 3.90 11.10
C ARG B 149 21.90 2.71 10.39
N SER B 150 21.99 1.55 11.05
CA SER B 150 22.54 0.37 10.38
C SER B 150 21.50 -0.35 9.51
N LEU B 151 20.27 0.16 9.51
CA LEU B 151 19.25 -0.32 8.55
C LEU B 151 18.90 0.75 7.51
N THR B 152 19.54 1.92 7.57
CA THR B 152 19.25 2.98 6.60
C THR B 152 19.56 2.50 5.19
N GLY B 153 18.62 2.69 4.26
CA GLY B 153 18.85 2.26 2.90
C GLY B 153 18.57 0.79 2.67
N LYS B 154 18.23 0.08 3.74
CA LYS B 154 17.94 -1.34 3.64
C LYS B 154 16.46 -1.65 3.82
N PRO B 155 15.99 -2.74 3.19
CA PRO B 155 14.55 -3.00 3.23
C PRO B 155 14.09 -3.48 4.60
N LYS B 156 13.04 -2.85 5.09
CA LYS B 156 12.42 -3.14 6.37
C LYS B 156 11.01 -3.65 6.15
N LEU B 157 10.82 -4.95 6.34
CA LEU B 157 9.58 -5.63 5.97
C LEU B 157 8.77 -5.97 7.18
N PHE B 158 7.55 -5.45 7.22
CA PHE B 158 6.61 -5.76 8.27
C PHE B 158 5.42 -6.54 7.71
N ILE B 159 5.29 -7.77 8.18
CA ILE B 159 4.25 -8.68 7.72
C ILE B 159 3.20 -8.86 8.80
N ILE B 160 1.95 -8.52 8.49
CA ILE B 160 0.95 -8.35 9.55
C ILE B 160 -0.31 -9.17 9.31
N GLN B 161 -0.45 -10.20 10.13
CA GLN B 161 -1.67 -11.00 10.18
C GLN B 161 -2.45 -10.48 11.37
N ALA B 162 -3.44 -9.65 11.10
CA ALA B 162 -4.29 -9.06 12.14
C ALA B 162 -5.47 -8.36 11.46
N CYS B 163 -6.59 -8.24 12.18
CA CYS B 163 -7.72 -7.49 11.65
C CYS B 163 -7.40 -6.00 11.54
N ARG B 164 -8.07 -5.32 10.62
CA ARG B 164 -7.85 -3.89 10.44
C ARG B 164 -9.19 -3.17 10.57
N GLY B 165 -10.10 -3.79 11.33
CA GLY B 165 -11.46 -3.30 11.47
C GLY B 165 -12.45 -4.45 11.51
N THR B 166 -13.72 -4.16 11.26
CA THR B 166 -14.74 -5.20 11.42
C THR B 166 -15.71 -5.26 10.24
N GLU B 167 -15.25 -4.86 9.06
CA GLU B 167 -16.06 -5.03 7.85
C GLU B 167 -15.82 -6.41 7.26
N LEU B 168 -16.82 -6.93 6.56
CA LEU B 168 -16.71 -8.20 5.85
C LEU B 168 -16.85 -7.98 4.36
N ASP B 169 -16.11 -8.76 3.58
CA ASP B 169 -16.18 -8.69 2.12
C ASP B 169 -17.10 -9.81 1.62
N CYS B 170 -18.25 -9.44 1.06
CA CYS B 170 -19.22 -10.45 0.61
CA CYS B 170 -19.23 -10.43 0.59
C CYS B 170 -18.80 -11.06 -0.74
N GLY B 171 -17.89 -10.40 -1.43
CA GLY B 171 -17.39 -10.89 -2.70
C GLY B 171 -18.40 -10.77 -3.82
N ILE B 172 -18.01 -11.22 -5.02
CA ILE B 172 -18.85 -11.12 -6.20
C ILE B 172 -18.54 -12.23 -7.20
N GLU B 173 -19.58 -12.64 -7.91
N GLU B 173 -19.55 -12.65 -7.95
CA GLU B 173 -19.55 -13.54 -9.07
CA GLU B 173 -19.41 -13.68 -8.99
C GLU B 173 -20.07 -14.93 -8.69
C GLU B 173 -19.32 -15.06 -8.36
N HIS B 185 21.96 12.80 -1.48
CA HIS B 185 22.15 13.72 -0.35
C HIS B 185 21.45 13.16 0.89
N LYS B 186 20.12 13.23 0.91
CA LYS B 186 19.33 12.63 1.98
C LYS B 186 18.26 11.68 1.40
N ILE B 187 17.82 10.71 2.20
CA ILE B 187 16.61 9.96 1.88
C ILE B 187 15.55 10.27 2.94
N PRO B 188 14.25 10.10 2.60
CA PRO B 188 13.19 10.24 3.61
C PRO B 188 13.36 9.22 4.76
N VAL B 189 12.99 9.60 5.98
CA VAL B 189 13.17 8.70 7.12
C VAL B 189 12.14 7.58 7.05
N GLU B 190 11.09 7.78 6.25
CA GLU B 190 10.06 6.75 6.10
C GLU B 190 10.27 5.84 4.87
N ALA B 191 11.31 6.10 4.09
CA ALA B 191 11.62 5.27 2.91
C ALA B 191 12.08 3.86 3.28
N ASP B 192 11.87 2.94 2.35
CA ASP B 192 12.39 1.57 2.43
C ASP B 192 11.66 0.71 3.46
N PHE B 193 10.40 1.06 3.74
CA PHE B 193 9.51 0.22 4.53
C PHE B 193 8.54 -0.51 3.60
N LEU B 194 8.21 -1.74 3.96
CA LEU B 194 7.13 -2.40 3.28
C LEU B 194 6.25 -3.07 4.31
N PHE B 195 4.94 -2.81 4.20
CA PHE B 195 3.96 -3.44 5.06
C PHE B 195 3.10 -4.38 4.24
N ALA B 196 3.20 -5.68 4.53
CA ALA B 196 2.36 -6.64 3.86
C ALA B 196 1.22 -7.02 4.79
N TYR B 197 0.06 -6.38 4.58
CA TYR B 197 -1.11 -6.62 5.40
C TYR B 197 -1.93 -7.79 4.87
N SER B 198 -2.42 -8.62 5.78
CA SER B 198 -3.28 -9.74 5.44
C SER B 198 -4.61 -9.33 4.78
N THR B 199 -5.05 -8.11 5.05
CA THR B 199 -6.40 -7.70 4.65
C THR B 199 -6.47 -6.19 4.31
N ALA B 200 -7.55 -5.79 3.65
CA ALA B 200 -7.71 -4.38 3.28
C ALA B 200 -8.05 -3.56 4.51
N PRO B 201 -7.68 -2.26 4.49
CA PRO B 201 -7.99 -1.41 5.63
C PRO B 201 -9.50 -1.41 5.93
N GLY B 202 -9.83 -1.48 7.21
CA GLY B 202 -11.22 -1.54 7.64
C GLY B 202 -11.78 -2.94 7.81
N TYR B 203 -11.10 -3.97 7.28
CA TYR B 203 -11.71 -5.30 7.23
C TYR B 203 -11.17 -6.29 8.26
N TYR B 204 -11.99 -7.31 8.56
CA TYR B 204 -11.52 -8.47 9.28
C TYR B 204 -10.48 -9.19 8.43
N SER B 205 -9.61 -9.94 9.10
CA SER B 205 -8.71 -10.89 8.47
C SER B 205 -9.11 -12.28 8.96
N TRP B 206 -9.05 -13.28 8.07
CA TRP B 206 -9.52 -14.64 8.41
C TRP B 206 -8.38 -15.59 8.78
N ARG B 207 -8.65 -16.43 9.77
CA ARG B 207 -7.69 -17.41 10.24
C ARG B 207 -8.41 -18.73 10.43
N ASN B 208 -7.86 -19.81 9.87
CA ASN B 208 -8.51 -21.10 10.06
C ASN B 208 -7.86 -21.85 11.23
N SER B 209 -8.69 -22.45 12.08
CA SER B 209 -8.20 -22.96 13.37
C SER B 209 -7.31 -24.17 13.20
N LYS B 210 -7.45 -24.87 12.07
CA LYS B 210 -6.66 -26.05 11.80
C LYS B 210 -5.50 -25.79 10.84
N ASP B 211 -5.75 -24.97 9.83
CA ASP B 211 -4.81 -24.74 8.74
C ASP B 211 -3.94 -23.50 8.93
N GLY B 212 -4.32 -22.60 9.85
CA GLY B 212 -3.62 -21.34 10.01
C GLY B 212 -4.33 -20.24 9.23
N SER B 213 -3.81 -19.03 9.31
CA SER B 213 -4.44 -17.90 8.61
C SER B 213 -4.30 -18.03 7.09
N TRP B 214 -5.31 -17.54 6.37
CA TRP B 214 -5.31 -17.59 4.91
C TRP B 214 -4.05 -16.91 4.36
N PHE B 215 -3.75 -15.76 4.94
CA PHE B 215 -2.65 -14.92 4.44
C PHE B 215 -1.28 -15.57 4.61
N ILE B 216 -1.00 -16.02 5.82
CA ILE B 216 0.31 -16.63 6.12
C ILE B 216 0.45 -17.96 5.38
N GLN B 217 -0.60 -18.78 5.34
CA GLN B 217 -0.62 -20.00 4.52
C GLN B 217 -0.11 -19.69 3.11
N SER B 218 -0.77 -18.72 2.48
CA SER B 218 -0.50 -18.34 1.11
C SER B 218 0.87 -17.68 0.94
N LEU B 219 1.23 -16.82 1.89
CA LEU B 219 2.57 -16.18 1.89
C LEU B 219 3.70 -17.20 1.90
N CYS B 220 3.62 -18.17 2.82
CA CYS B 220 4.65 -19.18 2.91
C CYS B 220 4.69 -20.03 1.67
N ALA B 221 3.50 -20.40 1.17
CA ALA B 221 3.41 -21.21 -0.04
C ALA B 221 4.04 -20.49 -1.25
N MET B 222 3.68 -19.22 -1.45
CA MET B 222 4.26 -18.49 -2.58
C MET B 222 5.77 -18.23 -2.38
N LEU B 223 6.22 -17.99 -1.17
CA LEU B 223 7.66 -17.82 -0.96
C LEU B 223 8.40 -19.13 -1.26
N LYS B 224 7.87 -20.26 -0.80
CA LYS B 224 8.50 -21.55 -1.05
C LYS B 224 8.59 -21.83 -2.56
N GLN B 225 7.53 -21.50 -3.29
CA GLN B 225 7.50 -21.74 -4.72
C GLN B 225 8.27 -20.68 -5.56
N TYR B 226 8.26 -19.42 -5.13
CA TYR B 226 8.81 -18.37 -6.01
C TYR B 226 9.96 -17.51 -5.50
N ALA B 227 10.45 -17.74 -4.29
CA ALA B 227 11.51 -16.87 -3.75
C ALA B 227 12.79 -16.94 -4.58
N ASP B 228 12.97 -18.02 -5.33
CA ASP B 228 14.16 -18.14 -6.18
C ASP B 228 13.88 -17.75 -7.64
N LYS B 229 12.73 -17.12 -7.88
CA LYS B 229 12.30 -16.80 -9.25
C LYS B 229 11.82 -15.35 -9.42
N LEU B 230 11.07 -14.84 -8.45
CA LEU B 230 10.33 -13.58 -8.60
C LEU B 230 10.77 -12.50 -7.62
N GLU B 231 10.64 -11.24 -8.03
CA GLU B 231 10.86 -10.12 -7.13
C GLU B 231 9.75 -10.13 -6.08
N PHE B 232 10.03 -9.60 -4.89
CA PHE B 232 9.09 -9.72 -3.76
C PHE B 232 7.69 -9.15 -4.03
N MET B 233 7.57 -8.00 -4.70
CA MET B 233 6.23 -7.47 -5.02
C MET B 233 5.41 -8.43 -5.88
N HIS B 234 6.08 -9.13 -6.80
CA HIS B 234 5.39 -10.07 -7.66
C HIS B 234 5.02 -11.32 -6.89
N ILE B 235 5.85 -11.66 -5.90
CA ILE B 235 5.47 -12.74 -5.00
C ILE B 235 4.22 -12.35 -4.22
N LEU B 236 4.22 -11.16 -3.61
CA LEU B 236 3.07 -10.72 -2.83
C LEU B 236 1.83 -10.54 -3.70
N THR B 237 2.02 -10.26 -4.99
CA THR B 237 0.87 -10.16 -5.89
C THR B 237 0.21 -11.53 -6.07
N ARG B 238 1.02 -12.57 -6.19
CA ARG B 238 0.50 -13.94 -6.28
CA ARG B 238 0.51 -13.93 -6.28
C ARG B 238 -0.17 -14.34 -4.98
N VAL B 239 0.35 -13.85 -3.86
CA VAL B 239 -0.29 -14.07 -2.56
C VAL B 239 -1.69 -13.43 -2.54
N ASN B 240 -1.77 -12.19 -3.00
CA ASN B 240 -3.07 -11.54 -3.19
C ASN B 240 -4.03 -12.40 -4.00
N ARG B 241 -3.55 -12.98 -5.11
CA ARG B 241 -4.44 -13.76 -5.95
C ARG B 241 -4.89 -15.04 -5.27
N LYS B 242 -3.95 -15.70 -4.59
CA LYS B 242 -4.23 -16.95 -3.94
C LYS B 242 -5.27 -16.71 -2.85
N VAL B 243 -5.06 -15.69 -2.02
CA VAL B 243 -6.02 -15.42 -0.95
C VAL B 243 -7.36 -15.02 -1.53
N ALA B 244 -7.34 -14.15 -2.53
CA ALA B 244 -8.57 -13.67 -3.12
C ALA B 244 -9.41 -14.75 -3.83
N THR B 245 -8.74 -15.73 -4.46
CA THR B 245 -9.44 -16.69 -5.31
C THR B 245 -9.69 -18.04 -4.65
N GLU B 246 -8.76 -18.53 -3.84
CA GLU B 246 -8.87 -19.89 -3.31
C GLU B 246 -9.53 -20.00 -1.94
N PHE B 247 -9.72 -18.87 -1.25
CA PHE B 247 -10.33 -18.94 0.08
C PHE B 247 -11.70 -18.29 0.12
N GLU B 248 -12.60 -18.92 0.88
CA GLU B 248 -13.91 -18.35 1.17
C GLU B 248 -14.35 -18.88 2.51
N SER B 249 -14.88 -18.02 3.38
CA SER B 249 -15.22 -18.47 4.71
C SER B 249 -16.42 -19.43 4.71
N PHE B 250 -16.34 -20.41 5.60
CA PHE B 250 -17.48 -21.27 5.88
C PHE B 250 -17.88 -21.07 7.34
N SER B 251 -19.12 -20.67 7.58
CA SER B 251 -19.61 -20.44 8.94
C SER B 251 -21.06 -20.89 9.10
N PHE B 252 -21.41 -21.42 10.27
CA PHE B 252 -22.82 -21.70 10.58
C PHE B 252 -23.57 -20.40 10.79
N ASP B 253 -22.84 -19.34 11.09
CA ASP B 253 -23.41 -18.00 11.22
C ASP B 253 -23.50 -17.34 9.84
N ALA B 254 -24.72 -17.15 9.34
CA ALA B 254 -24.95 -16.60 8.02
C ALA B 254 -24.21 -15.28 7.81
N THR B 255 -24.06 -14.53 8.89
CA THR B 255 -23.43 -13.22 8.84
C THR B 255 -21.93 -13.33 8.53
N PHE B 256 -21.31 -14.45 8.88
CA PHE B 256 -19.88 -14.61 8.66
C PHE B 256 -19.56 -15.62 7.57
N HIS B 257 -20.60 -16.06 6.87
CA HIS B 257 -20.44 -17.13 5.88
C HIS B 257 -20.22 -16.63 4.45
N ALA B 258 -19.35 -17.34 3.73
CA ALA B 258 -19.13 -17.08 2.31
C ALA B 258 -18.47 -15.74 2.07
N LYS B 259 -17.61 -15.34 3.01
CA LYS B 259 -16.91 -14.05 2.92
C LYS B 259 -15.54 -14.19 2.28
N LYS B 260 -15.02 -13.08 1.78
CA LYS B 260 -13.79 -13.08 1.01
C LYS B 260 -12.77 -12.15 1.64
N GLN B 261 -11.54 -12.24 1.15
CA GLN B 261 -10.43 -11.41 1.67
C GLN B 261 -9.43 -11.09 0.59
N ILE B 262 -8.94 -9.85 0.59
CA ILE B 262 -7.90 -9.42 -0.31
C ILE B 262 -6.82 -8.79 0.58
N PRO B 263 -5.57 -9.26 0.46
CA PRO B 263 -4.51 -8.67 1.27
C PRO B 263 -4.12 -7.32 0.69
N CYS B 264 -3.32 -6.55 1.41
CA CYS B 264 -2.98 -5.20 0.93
C CYS B 264 -1.49 -4.96 1.13
N ILE B 265 -0.81 -4.74 0.01
CA ILE B 265 0.60 -4.42 0.02
C ILE B 265 0.77 -2.92 0.13
N HIS B 266 1.49 -2.49 1.16
CA HIS B 266 1.78 -1.07 1.36
CA HIS B 266 1.77 -1.09 1.40
C HIS B 266 3.28 -0.88 1.20
N SER B 267 3.69 -0.38 0.04
CA SER B 267 5.12 -0.33 -0.24
C SER B 267 5.70 1.08 -0.31
N MET B 268 6.69 1.31 0.54
CA MET B 268 7.49 2.52 0.48
C MET B 268 8.92 2.14 0.15
N LEU B 269 9.07 1.01 -0.52
CA LEU B 269 10.37 0.57 -0.99
C LEU B 269 10.85 1.44 -2.15
N THR B 270 12.17 1.52 -2.31
CA THR B 270 12.75 2.35 -3.35
C THR B 270 13.50 1.47 -4.36
N LYS B 271 13.60 0.18 -4.07
CA LYS B 271 14.28 -0.74 -4.99
C LYS B 271 13.53 -2.06 -5.06
N GLU B 272 13.87 -2.89 -6.03
CA GLU B 272 13.34 -4.24 -6.14
C GLU B 272 14.03 -5.14 -5.12
N LEU B 273 13.28 -6.13 -4.64
CA LEU B 273 13.79 -7.00 -3.60
C LEU B 273 13.76 -8.45 -4.08
N TYR B 274 14.95 -9.06 -4.14
CA TYR B 274 15.08 -10.48 -4.50
C TYR B 274 15.73 -11.25 -3.37
N PHE B 275 15.21 -12.44 -3.07
CA PHE B 275 15.76 -13.24 -1.98
C PHE B 275 16.92 -14.14 -2.37
N TYR B 276 17.20 -14.27 -3.66
CA TYR B 276 18.36 -15.05 -4.07
C TYR B 276 19.56 -14.14 -4.39
N ASP C 2 -13.02 -21.57 10.17
CA ASP C 2 -12.68 -20.22 9.87
C ASP C 2 -13.11 -19.30 11.03
N GLU C 3 -12.15 -18.37 11.58
CA GLU C 3 -12.43 -17.49 12.67
C GLU C 3 -11.87 -16.15 12.24
N VAL C 4 -12.27 -14.91 12.87
CA VAL C 4 -11.67 -13.66 12.41
C VAL C 4 -10.69 -13.21 13.48
N ASP C 5 -9.57 -12.38 13.10
CA ASP C 5 -8.56 -11.94 14.03
C ASP C 5 -8.95 -10.68 14.78
N ASP D 2 8.66 25.49 -4.04
CA ASP D 2 8.09 24.33 -3.42
C ASP D 2 6.96 24.74 -2.46
N GLU D 3 5.68 24.05 -2.54
CA GLU D 3 4.59 24.38 -1.69
C GLU D 3 3.99 23.04 -1.28
N VAL D 4 3.17 22.96 -0.10
CA VAL D 4 2.59 21.67 0.25
C VAL D 4 1.14 21.60 -0.21
N ASP D 5 0.51 20.31 -0.42
CA ASP D 5 -0.86 20.23 -0.89
C ASP D 5 -1.89 20.22 0.21
N VAL E 1 19.67 -14.03 20.29
CA VAL E 1 19.15 -13.67 21.61
C VAL E 1 17.94 -12.74 21.48
N ASP E 2 16.75 -13.32 21.62
CA ASP E 2 16.64 -14.75 21.84
C ASP E 2 15.33 -15.33 21.28
N ASP E 3 15.15 -16.64 21.48
CA ASP E 3 14.24 -17.45 20.68
C ASP E 3 13.32 -18.28 21.60
N ASP E 4 12.00 -18.19 21.39
CA ASP E 4 11.04 -19.00 22.16
C ASP E 4 10.74 -20.35 21.51
N MET E 5 10.99 -20.47 20.21
CA MET E 5 10.66 -21.71 19.49
C MET E 5 11.87 -22.32 18.80
N VAL F 1 -5.87 22.19 -18.02
CA VAL F 1 -5.82 21.86 -19.43
C VAL F 1 -7.15 21.30 -19.94
N ASP F 2 -7.51 21.66 -21.17
CA ASP F 2 -8.63 21.03 -21.88
C ASP F 2 -9.94 20.98 -21.11
N ASP F 3 -10.63 19.84 -21.26
CA ASP F 3 -11.90 19.51 -20.61
C ASP F 3 -12.71 18.57 -21.51
N ASP F 4 -12.92 17.33 -21.06
CA ASP F 4 -13.61 16.36 -21.91
C ASP F 4 -14.81 15.73 -21.22
N MET F 5 -15.94 15.76 -21.92
CA MET F 5 -17.21 15.29 -21.40
C MET F 5 -18.13 14.79 -22.51
#